data_2XSE
#
_entry.id   2XSE
#
_cell.length_a   67.338
_cell.length_b   67.338
_cell.length_c   186.762
_cell.angle_alpha   90.00
_cell.angle_beta   90.00
_cell.angle_gamma   120.00
#
_symmetry.space_group_name_H-M   'P 61 2 2'
#
loop_
_entity.id
_entity.type
_entity.pdbx_description
1 polymer 'THYMINE DIOXYGENASE JBP1'
2 non-polymer 'NITRATE ION'
3 non-polymer GLYCEROL
4 water water
#
_entity_poly.entity_id   1
_entity_poly.type   'polypeptide(L)'
_entity_poly.pdbx_seq_one_letter_code
;TNL(MSE)VSTAVEKKKYLDSEFLLHCISAQLLD(MSE)WKQARARWLELVGKEWAH(MSE)LALNPERKDFLWKNQSE
(MSE)NSAFFDLCEVGKQV(MSE)LGLLGKEVALPKEEQAFWI(MSE)YAVHLSAACAEELH(MSE)PEVA(MSE)SLRK
LNVKLKDFNFGGTRYFKD(MSE)PPEEKKRR(MSE)ERKQRIEEARRHG(MSE)P
;
_entity_poly.pdbx_strand_id   A
#
loop_
_chem_comp.id
_chem_comp.type
_chem_comp.name
_chem_comp.formula
GOL non-polymer GLYCEROL 'C3 H8 O3'
NO3 non-polymer 'NITRATE ION' 'N O3 -1'
#
# COMPACT_ATOMS: atom_id res chain seq x y z
N MSE A 4 -19.26 -4.27 3.06
CA MSE A 4 -18.19 -3.60 2.25
C MSE A 4 -16.86 -4.33 2.31
O MSE A 4 -16.21 -4.51 1.28
CB MSE A 4 -18.00 -2.15 2.70
CG MSE A 4 -19.00 -1.16 2.11
SE MSE A 4 -18.36 0.69 2.29
CE MSE A 4 -17.05 0.71 0.87
N VAL A 5 -16.44 -4.73 3.52
CA VAL A 5 -15.21 -5.53 3.69
C VAL A 5 -15.41 -6.96 3.19
N SER A 6 -16.65 -7.44 3.23
CA SER A 6 -17.01 -8.78 2.72
C SER A 6 -16.78 -8.89 1.21
N THR A 7 -17.35 -7.95 0.45
CA THR A 7 -17.16 -7.93 -1.01
C THR A 7 -15.69 -7.63 -1.39
N ALA A 8 -15.02 -6.75 -0.65
CA ALA A 8 -13.58 -6.45 -0.88
C ALA A 8 -12.64 -7.64 -0.67
N VAL A 9 -13.07 -8.67 0.07
CA VAL A 9 -12.26 -9.88 0.30
C VAL A 9 -12.03 -10.70 -1.00
N GLU A 10 -13.10 -10.89 -1.79
CA GLU A 10 -12.97 -11.48 -3.13
C GLU A 10 -12.27 -10.49 -4.06
N LYS A 11 -12.66 -9.22 -3.94
CA LYS A 11 -12.11 -8.18 -4.81
C LYS A 11 -10.61 -7.88 -4.50
N LYS A 12 -9.99 -8.62 -3.59
CA LYS A 12 -8.56 -8.49 -3.28
C LYS A 12 -7.68 -8.84 -4.47
N LYS A 13 -8.16 -9.74 -5.31
CA LYS A 13 -7.48 -10.07 -6.55
C LYS A 13 -7.45 -8.88 -7.52
N TYR A 14 -8.27 -7.85 -7.31
CA TYR A 14 -8.36 -6.74 -8.26
C TYR A 14 -7.07 -5.94 -8.32
N LEU A 15 -6.29 -5.98 -7.24
CA LEU A 15 -4.98 -5.35 -7.20
C LEU A 15 -3.84 -6.30 -7.56
N ASP A 16 -4.14 -7.54 -7.93
CA ASP A 16 -3.14 -8.42 -8.54
C ASP A 16 -2.75 -7.85 -9.91
N SER A 17 -1.46 -7.98 -10.25
CA SER A 17 -0.92 -7.46 -11.51
CA SER A 17 -0.93 -7.45 -11.50
C SER A 17 -1.72 -7.92 -12.72
N GLU A 18 -2.15 -9.18 -12.71
CA GLU A 18 -2.90 -9.74 -13.84
C GLU A 18 -4.25 -9.09 -14.06
N PHE A 19 -4.84 -8.54 -12.99
CA PHE A 19 -6.16 -7.85 -13.09
C PHE A 19 -5.97 -6.36 -13.36
N LEU A 20 -4.86 -5.81 -12.90
CA LEU A 20 -4.52 -4.43 -13.18
C LEU A 20 -4.05 -4.21 -14.62
N LEU A 21 -3.43 -5.24 -15.21
CA LEU A 21 -2.86 -5.16 -16.56
C LEU A 21 -3.90 -4.64 -17.55
N HIS A 22 -3.49 -3.65 -18.35
CA HIS A 22 -4.31 -2.97 -19.38
C HIS A 22 -5.35 -1.99 -18.83
N CYS A 23 -5.52 -1.92 -17.52
CA CYS A 23 -6.47 -0.99 -16.91
C CYS A 23 -5.81 0.28 -16.35
N ILE A 24 -4.49 0.24 -16.22
CA ILE A 24 -3.67 1.38 -15.87
C ILE A 24 -2.46 1.38 -16.81
N SER A 25 -1.72 2.48 -16.85
CA SER A 25 -0.52 2.54 -17.68
C SER A 25 0.51 1.48 -17.24
N ALA A 26 1.31 1.06 -18.21
CA ALA A 26 2.40 0.14 -17.99
C ALA A 26 3.36 0.69 -16.93
N GLN A 27 3.65 1.99 -17.01
CA GLN A 27 4.58 2.61 -16.06
C GLN A 27 4.04 2.61 -14.61
N LEU A 28 2.75 2.87 -14.44
CA LEU A 28 2.16 2.90 -13.11
C LEU A 28 2.07 1.50 -12.56
N LEU A 29 1.75 0.55 -13.43
CA LEU A 29 1.68 -0.85 -13.05
C LEU A 29 3.04 -1.34 -12.53
N ASP A 30 4.12 -1.00 -13.24
CA ASP A 30 5.46 -1.37 -12.75
C ASP A 30 5.80 -0.67 -11.40
N MSE A 31 5.40 0.58 -11.20
CA MSE A 31 5.59 1.25 -9.90
C MSE A 31 4.83 0.50 -8.78
O MSE A 31 5.34 0.38 -7.66
CB MSE A 31 5.12 2.70 -9.96
CG MSE A 31 6.06 3.59 -10.73
SE MSE A 31 5.30 5.36 -10.92
CE MSE A 31 6.95 6.28 -11.47
N TRP A 32 3.62 0.06 -9.08
CA TRP A 32 2.83 -0.68 -8.12
C TRP A 32 3.52 -2.01 -7.78
N LYS A 33 3.96 -2.75 -8.81
CA LYS A 33 4.64 -4.03 -8.59
C LYS A 33 5.90 -3.87 -7.71
N GLN A 34 6.71 -2.87 -8.03
CA GLN A 34 7.93 -2.61 -7.26
C GLN A 34 7.63 -2.13 -5.83
N ALA A 35 6.67 -1.23 -5.65
CA ALA A 35 6.37 -0.70 -4.32
C ALA A 35 5.74 -1.78 -3.41
N ARG A 36 4.91 -2.63 -3.99
CA ARG A 36 4.31 -3.76 -3.25
C ARG A 36 5.42 -4.72 -2.81
N ALA A 37 6.30 -5.06 -3.73
CA ALA A 37 7.39 -6.00 -3.41
C ALA A 37 8.34 -5.44 -2.34
N ARG A 38 8.65 -4.16 -2.46
CA ARG A 38 9.53 -3.49 -1.51
C ARG A 38 8.98 -3.49 -0.09
N TRP A 39 7.71 -3.10 0.08
CA TRP A 39 7.05 -3.11 1.39
C TRP A 39 6.97 -4.51 1.98
N LEU A 40 6.53 -5.48 1.19
CA LEU A 40 6.45 -6.85 1.69
C LEU A 40 7.81 -7.41 2.13
N GLU A 41 8.86 -7.15 1.35
CA GLU A 41 10.17 -7.62 1.71
C GLU A 41 10.60 -7.04 3.07
N LEU A 42 10.35 -5.74 3.29
CA LEU A 42 10.71 -5.09 4.56
C LEU A 42 9.90 -5.61 5.74
N VAL A 43 8.62 -5.82 5.50
CA VAL A 43 7.74 -6.44 6.51
C VAL A 43 8.27 -7.82 6.89
N GLY A 44 8.60 -8.63 5.88
CA GLY A 44 9.13 -9.98 6.09
C GLY A 44 10.44 -10.01 6.87
N LYS A 45 11.34 -9.07 6.56
CA LYS A 45 12.61 -8.96 7.32
C LYS A 45 12.36 -8.61 8.76
N GLU A 46 11.53 -7.60 8.99
CA GLU A 46 11.23 -7.17 10.36
C GLU A 46 10.58 -8.29 11.17
N TRP A 47 9.64 -9.00 10.55
CA TRP A 47 8.96 -10.12 11.18
C TRP A 47 9.91 -11.27 11.53
N ALA A 48 10.82 -11.62 10.64
CA ALA A 48 11.75 -12.72 10.87
C ALA A 48 12.60 -12.43 12.11
N HIS A 49 13.04 -11.19 12.27
CA HIS A 49 13.77 -10.79 13.48
C HIS A 49 12.93 -10.94 14.73
N MSE A 50 11.70 -10.45 14.69
CA MSE A 50 10.78 -10.55 15.81
C MSE A 50 10.46 -11.98 16.21
O MSE A 50 10.48 -12.34 17.40
CB MSE A 50 9.47 -9.78 15.52
CG MSE A 50 9.70 -8.31 15.48
SE MSE A 50 8.05 -7.44 14.75
CE MSE A 50 8.86 -5.70 14.62
N LEU A 51 10.21 -12.80 15.21
CA LEU A 51 9.95 -14.22 15.42
C LEU A 51 11.15 -14.96 15.98
N ALA A 52 12.36 -14.60 15.54
CA ALA A 52 13.57 -15.16 16.12
C ALA A 52 13.64 -14.94 17.64
N LEU A 53 13.16 -13.79 18.12
CA LEU A 53 13.27 -13.42 19.52
C LEU A 53 12.07 -13.89 20.35
N ASN A 54 10.91 -14.04 19.73
CA ASN A 54 9.76 -14.69 20.35
C ASN A 54 8.99 -15.52 19.32
N PRO A 55 9.32 -16.83 19.21
CA PRO A 55 8.69 -17.68 18.20
C PRO A 55 7.19 -17.81 18.36
N GLU A 56 6.67 -17.50 19.54
CA GLU A 56 5.26 -17.62 19.88
C GLU A 56 4.41 -16.38 19.58
N ARG A 57 5.06 -15.27 19.23
CA ARG A 57 4.30 -14.03 19.06
C ARG A 57 3.34 -14.07 17.83
N LYS A 58 2.22 -13.38 18.00
CA LYS A 58 1.15 -13.32 17.00
C LYS A 58 0.86 -11.91 16.52
N ASP A 59 1.46 -10.90 17.15
CA ASP A 59 1.30 -9.49 16.82
CA ASP A 59 1.27 -9.55 16.65
C ASP A 59 2.52 -8.94 16.04
N PHE A 60 2.31 -8.02 15.11
CA PHE A 60 3.41 -7.34 14.43
C PHE A 60 3.47 -5.91 15.01
N LEU A 61 4.58 -5.53 15.63
CA LEU A 61 4.74 -4.17 16.15
CA LEU A 61 4.71 -4.16 16.15
C LEU A 61 5.21 -3.31 14.98
N TRP A 62 4.44 -2.27 14.65
CA TRP A 62 4.74 -1.41 13.53
C TRP A 62 5.66 -0.29 14.01
N LYS A 63 6.90 -0.24 13.52
CA LYS A 63 7.85 0.79 13.94
C LYS A 63 7.58 2.03 13.11
N ASN A 64 7.26 3.12 13.81
CA ASN A 64 6.88 4.37 13.19
C ASN A 64 8.02 5.12 12.50
N GLN A 65 9.26 4.91 12.94
CA GLN A 65 10.42 5.42 12.23
C GLN A 65 11.21 4.22 11.71
N SER A 66 10.88 3.78 10.50
CA SER A 66 11.54 2.63 9.88
C SER A 66 11.48 2.77 8.38
N GLU A 67 12.40 2.09 7.70
CA GLU A 67 12.35 1.95 6.25
C GLU A 67 11.00 1.35 5.81
N MSE A 68 10.53 0.33 6.54
CA MSE A 68 9.23 -0.30 6.25
C MSE A 68 8.12 0.76 6.24
O MSE A 68 7.29 0.80 5.31
CB MSE A 68 8.94 -1.38 7.29
CG MSE A 68 7.64 -2.17 7.08
SE MSE A 68 6.08 -1.16 7.74
CE MSE A 68 6.24 -1.42 9.66
N ASN A 69 8.11 1.59 7.26
CA ASN A 69 7.10 2.65 7.39
C ASN A 69 7.13 3.62 6.23
N SER A 70 8.33 4.04 5.82
CA SER A 70 8.48 4.92 4.67
CA SER A 70 8.50 4.92 4.66
C SER A 70 8.02 4.24 3.38
N ALA A 71 8.38 2.98 3.23
CA ALA A 71 7.95 2.15 2.10
C ALA A 71 6.43 1.97 2.07
N PHE A 72 5.79 1.90 3.23
CA PHE A 72 4.35 1.80 3.26
C PHE A 72 3.68 3.09 2.77
N PHE A 73 4.20 4.24 3.23
N PHE A 73 4.20 4.23 3.18
CA PHE A 73 3.74 5.55 2.73
CA PHE A 73 3.60 5.46 2.71
C PHE A 73 3.79 5.63 1.21
C PHE A 73 3.84 5.74 1.22
N ASP A 74 4.93 5.24 0.65
CA ASP A 74 5.11 5.30 -0.80
C ASP A 74 4.14 4.36 -1.53
N LEU A 75 3.92 3.17 -0.95
CA LEU A 75 2.95 2.23 -1.50
C LEU A 75 1.52 2.82 -1.48
N CYS A 76 1.18 3.55 -0.42
CA CYS A 76 -0.11 4.25 -0.35
C CYS A 76 -0.19 5.31 -1.46
N GLU A 77 0.90 6.03 -1.67
CA GLU A 77 0.97 7.04 -2.72
C GLU A 77 0.74 6.41 -4.10
N VAL A 78 1.41 5.30 -4.37
CA VAL A 78 1.21 4.57 -5.62
C VAL A 78 -0.21 4.00 -5.72
N GLY A 79 -0.69 3.38 -4.65
CA GLY A 79 -2.03 2.87 -4.57
C GLY A 79 -3.08 3.92 -4.90
N LYS A 80 -2.96 5.11 -4.35
CA LYS A 80 -3.95 6.16 -4.65
C LYS A 80 -3.98 6.50 -6.14
N GLN A 81 -2.81 6.57 -6.76
CA GLN A 81 -2.75 6.79 -8.20
C GLN A 81 -3.27 5.59 -9.02
N VAL A 82 -3.09 4.37 -8.53
CA VAL A 82 -3.74 3.17 -9.12
C VAL A 82 -5.27 3.34 -9.12
N MSE A 83 -5.82 3.73 -7.97
CA MSE A 83 -7.25 4.01 -7.89
C MSE A 83 -7.68 5.04 -8.96
O MSE A 83 -8.65 4.80 -9.70
CB MSE A 83 -7.62 4.53 -6.51
CG MSE A 83 -9.08 4.94 -6.35
SE MSE A 83 -9.38 5.92 -4.69
CE MSE A 83 -8.41 7.58 -4.97
N LEU A 84 -6.99 6.17 -9.00
CA LEU A 84 -7.32 7.23 -9.96
C LEU A 84 -7.21 6.76 -11.43
N GLY A 85 -6.19 5.94 -11.70
CA GLY A 85 -6.01 5.28 -12.99
C GLY A 85 -7.14 4.33 -13.41
N LEU A 86 -7.62 3.54 -12.46
CA LEU A 86 -8.77 2.65 -12.69
C LEU A 86 -10.03 3.44 -12.97
N LEU A 87 -10.20 4.57 -12.27
CA LEU A 87 -11.41 5.36 -12.40
C LEU A 87 -11.34 6.29 -13.60
N GLY A 88 -10.12 6.55 -14.07
CA GLY A 88 -9.87 7.55 -15.10
C GLY A 88 -10.22 8.97 -14.69
N LYS A 89 -10.03 9.29 -13.41
CA LYS A 89 -10.39 10.58 -12.83
C LYS A 89 -9.19 11.15 -12.08
N GLU A 90 -9.23 12.45 -11.79
CA GLU A 90 -8.26 13.09 -10.90
C GLU A 90 -8.72 13.12 -9.46
N VAL A 91 -10.04 13.10 -9.23
CA VAL A 91 -10.61 13.19 -7.87
C VAL A 91 -11.74 12.18 -7.78
N ALA A 92 -11.58 11.19 -6.90
CA ALA A 92 -12.60 10.15 -6.72
C ALA A 92 -13.82 10.65 -5.89
N LEU A 93 -14.98 10.01 -6.06
CA LEU A 93 -16.05 10.15 -5.08
C LEU A 93 -15.60 9.55 -3.75
N PRO A 94 -16.01 10.15 -2.62
CA PRO A 94 -15.63 9.51 -1.35
C PRO A 94 -16.04 8.02 -1.24
N LYS A 95 -17.21 7.62 -1.79
CA LYS A 95 -17.61 6.20 -1.73
C LYS A 95 -16.64 5.33 -2.53
N GLU A 96 -16.06 5.88 -3.61
CA GLU A 96 -15.11 5.15 -4.41
C GLU A 96 -13.81 4.98 -3.63
N GLU A 97 -13.39 6.05 -2.95
CA GLU A 97 -12.19 6.02 -2.13
CA GLU A 97 -12.17 5.99 -2.17
C GLU A 97 -12.32 5.01 -0.99
N GLN A 98 -13.47 5.03 -0.31
CA GLN A 98 -13.72 4.09 0.80
C GLN A 98 -13.66 2.64 0.31
N ALA A 99 -14.29 2.39 -0.83
CA ALA A 99 -14.24 1.05 -1.41
C ALA A 99 -12.79 0.64 -1.77
N PHE A 100 -12.03 1.55 -2.34
CA PHE A 100 -10.69 1.24 -2.76
C PHE A 100 -9.78 0.94 -1.57
N TRP A 101 -9.83 1.77 -0.54
CA TRP A 101 -8.98 1.58 0.62
C TRP A 101 -9.30 0.31 1.37
N ILE A 102 -10.57 -0.11 1.34
CA ILE A 102 -10.92 -1.41 1.91
C ILE A 102 -10.27 -2.52 1.11
N MSE A 103 -10.39 -2.47 -0.23
CA MSE A 103 -9.79 -3.47 -1.09
CA MSE A 103 -9.78 -3.45 -1.11
C MSE A 103 -8.24 -3.53 -0.94
O MSE A 103 -7.64 -4.61 -0.91
CB MSE A 103 -10.15 -3.21 -2.56
CB MSE A 103 -10.14 -3.10 -2.56
CG MSE A 103 -11.64 -3.26 -2.88
CG MSE A 103 -9.38 -3.84 -3.66
SE MSE A 103 -11.88 -2.87 -4.78
SE MSE A 103 -9.76 -2.99 -5.41
CE MSE A 103 -10.45 -4.02 -5.27
CE MSE A 103 -11.49 -3.70 -5.67
N TYR A 104 -7.62 -2.35 -0.83
CA TYR A 104 -6.17 -2.20 -0.61
C TYR A 104 -5.73 -2.89 0.71
N ALA A 105 -6.43 -2.60 1.80
CA ALA A 105 -6.11 -3.18 3.11
C ALA A 105 -6.32 -4.72 3.15
N VAL A 106 -7.41 -5.20 2.56
CA VAL A 106 -7.66 -6.64 2.45
C VAL A 106 -6.56 -7.31 1.62
N HIS A 107 -6.17 -6.67 0.52
CA HIS A 107 -5.13 -7.19 -0.38
C HIS A 107 -3.78 -7.30 0.34
N LEU A 108 -3.40 -6.24 1.03
CA LEU A 108 -2.10 -6.27 1.73
C LEU A 108 -2.09 -7.21 2.94
N SER A 109 -3.20 -7.25 3.69
CA SER A 109 -3.32 -8.20 4.80
C SER A 109 -3.23 -9.68 4.31
N ALA A 110 -3.88 -9.97 3.18
CA ALA A 110 -3.80 -11.31 2.58
C ALA A 110 -2.37 -11.62 2.16
N ALA A 111 -1.68 -10.64 1.60
CA ALA A 111 -0.30 -10.87 1.16
C ALA A 111 0.60 -11.23 2.34
N CYS A 112 0.39 -10.57 3.48
CA CYS A 112 1.17 -10.88 4.71
C CYS A 112 0.92 -12.33 5.23
N ALA A 113 -0.33 -12.76 5.20
CA ALA A 113 -0.66 -14.13 5.62
C ALA A 113 -0.24 -15.18 4.57
N GLU A 114 -0.48 -14.88 3.31
CA GLU A 114 -0.31 -15.85 2.22
C GLU A 114 1.10 -15.90 1.65
N GLU A 115 1.73 -14.73 1.51
CA GLU A 115 3.04 -14.63 0.87
C GLU A 115 4.18 -14.56 1.89
N LEU A 116 3.96 -13.91 3.04
CA LEU A 116 4.96 -13.88 4.10
C LEU A 116 4.71 -14.95 5.18
N HIS A 117 3.57 -15.63 5.13
CA HIS A 117 3.23 -16.70 6.10
C HIS A 117 3.18 -16.20 7.55
N MSE A 118 2.70 -14.97 7.72
CA MSE A 118 2.55 -14.39 9.04
C MSE A 118 1.17 -14.83 9.58
O MSE A 118 0.25 -15.04 8.78
CB MSE A 118 2.61 -12.88 8.95
CG MSE A 118 4.00 -12.39 8.55
SE MSE A 118 4.09 -10.53 8.18
CE MSE A 118 3.41 -9.77 9.81
N PRO A 119 1.03 -14.97 10.90
CA PRO A 119 -0.30 -15.19 11.46
C PRO A 119 -1.28 -14.13 10.96
N GLU A 120 -2.48 -14.56 10.60
CA GLU A 120 -3.50 -13.66 10.04
C GLU A 120 -3.78 -12.46 10.91
N VAL A 121 -3.74 -12.66 12.22
CA VAL A 121 -3.98 -11.59 13.19
C VAL A 121 -2.85 -10.55 13.32
N ALA A 122 -1.65 -10.87 12.81
CA ALA A 122 -0.46 -9.97 12.94
C ALA A 122 -0.61 -8.68 12.15
N MSE A 123 -0.87 -8.78 10.84
CA MSE A 123 -1.11 -7.58 10.03
C MSE A 123 -2.61 -7.47 9.73
O MSE A 123 -3.07 -7.84 8.65
CB MSE A 123 -0.30 -7.63 8.74
CG MSE A 123 -0.29 -6.31 7.94
SE MSE A 123 0.61 -4.86 8.79
CE MSE A 123 2.48 -5.38 8.52
N SER A 124 -3.35 -6.98 10.71
CA SER A 124 -4.80 -6.93 10.63
C SER A 124 -5.29 -5.80 9.73
N LEU A 125 -6.52 -5.92 9.25
CA LEU A 125 -7.20 -4.84 8.55
C LEU A 125 -7.18 -3.57 9.42
N ARG A 126 -7.44 -3.70 10.71
CA ARG A 126 -7.44 -2.51 11.58
C ARG A 126 -6.05 -1.80 11.64
N LYS A 127 -4.99 -2.58 11.71
CA LYS A 127 -3.63 -2.02 11.81
C LYS A 127 -3.30 -1.18 10.57
N LEU A 128 -3.58 -1.77 9.40
CA LEU A 128 -3.41 -1.11 8.13
C LEU A 128 -4.24 0.16 8.06
N ASN A 129 -5.49 0.09 8.52
CA ASN A 129 -6.39 1.25 8.52
C ASN A 129 -5.88 2.41 9.38
N VAL A 130 -5.25 2.10 10.51
CA VAL A 130 -4.62 3.11 11.38
C VAL A 130 -3.60 3.86 10.59
N LYS A 131 -2.78 3.13 9.84
CA LYS A 131 -1.74 3.77 9.07
C LYS A 131 -2.28 4.50 7.84
N LEU A 132 -3.32 3.92 7.23
CA LEU A 132 -4.00 4.56 6.11
C LEU A 132 -4.62 5.90 6.46
N LYS A 133 -5.22 5.99 7.65
CA LYS A 133 -5.83 7.21 8.14
C LYS A 133 -4.79 8.30 8.24
N ASP A 134 -3.63 7.96 8.80
CA ASP A 134 -2.46 8.84 8.79
C ASP A 134 -2.16 9.31 7.34
N PHE A 135 -2.09 8.38 6.39
CA PHE A 135 -1.80 8.75 5.01
C PHE A 135 -2.84 9.72 4.41
N ASN A 136 -4.11 9.40 4.60
CA ASN A 136 -5.23 10.16 4.06
C ASN A 136 -5.57 11.44 4.84
N PHE A 137 -5.14 11.51 6.09
CA PHE A 137 -5.27 12.72 6.90
C PHE A 137 -3.87 13.16 7.32
N GLY A 138 -2.95 13.15 6.37
N ASP A 145 7.27 14.59 12.91
CA ASP A 145 7.91 15.84 12.54
C ASP A 145 8.78 15.67 11.28
N MSE A 146 8.15 15.79 10.12
CA MSE A 146 8.86 15.60 8.85
C MSE A 146 9.65 16.85 8.48
O MSE A 146 9.11 17.96 8.48
CB MSE A 146 7.87 15.26 7.74
CG MSE A 146 8.55 14.85 6.43
SE MSE A 146 7.28 14.30 5.05
CE MSE A 146 6.19 15.94 4.94
N PRO A 147 10.95 16.69 8.11
CA PRO A 147 11.74 17.84 7.67
C PRO A 147 11.21 18.50 6.38
N PRO A 148 11.64 19.74 6.09
CA PRO A 148 11.25 20.37 4.83
C PRO A 148 11.80 19.68 3.57
N GLU A 149 13.02 19.15 3.65
CA GLU A 149 13.63 18.47 2.49
C GLU A 149 12.92 17.16 2.15
N GLU A 150 12.42 16.47 3.18
CA GLU A 150 11.69 15.22 3.00
C GLU A 150 10.26 15.50 2.51
N LYS A 151 9.67 16.61 2.94
CA LYS A 151 8.40 17.07 2.38
C LYS A 151 8.54 17.29 0.86
N LYS A 152 9.64 17.94 0.47
CA LYS A 152 9.94 18.21 -0.94
C LYS A 152 10.06 16.89 -1.71
N ARG A 153 10.83 15.97 -1.15
CA ARG A 153 11.02 14.63 -1.70
C ARG A 153 9.72 13.89 -1.97
N ARG A 154 8.81 13.89 -0.98
CA ARG A 154 7.55 13.19 -1.14
C ARG A 154 6.66 13.88 -2.18
N MSE A 155 6.67 15.21 -2.23
N MSE A 155 6.68 15.21 -2.20
CA MSE A 155 5.92 15.95 -3.25
CA MSE A 155 5.99 16.01 -3.20
C MSE A 155 6.43 15.68 -4.68
C MSE A 155 6.43 15.64 -4.63
O MSE A 155 5.62 15.55 -5.61
O MSE A 155 5.59 15.35 -5.49
CB MSE A 155 6.00 17.44 -2.97
CB MSE A 155 6.32 17.48 -2.94
CG MSE A 155 5.39 18.26 -4.10
CG MSE A 155 5.14 18.40 -2.80
SE MSE A 155 6.30 19.95 -4.43
SE MSE A 155 5.54 19.89 -1.59
CE MSE A 155 7.81 19.32 -5.46
CE MSE A 155 4.52 19.26 -0.05
N GLU A 156 7.73 15.60 -4.85
CA GLU A 156 8.31 15.27 -6.18
C GLU A 156 8.01 13.82 -6.58
N ARG A 157 8.11 12.89 -5.64
CA ARG A 157 7.73 11.51 -5.90
C ARG A 157 6.25 11.37 -6.30
N LYS A 158 5.36 12.03 -5.59
CA LYS A 158 3.93 11.99 -5.93
C LYS A 158 3.67 12.54 -7.32
N GLN A 159 4.34 13.65 -7.67
CA GLN A 159 4.24 14.17 -9.04
C GLN A 159 4.68 13.17 -10.10
N ARG A 160 5.79 12.44 -9.86
CA ARG A 160 6.27 11.41 -10.80
CA ARG A 160 6.26 11.42 -10.80
C ARG A 160 5.27 10.25 -10.93
N ILE A 161 4.63 9.87 -9.83
CA ILE A 161 3.61 8.80 -9.88
C ILE A 161 2.37 9.29 -10.66
N GLU A 162 1.95 10.52 -10.42
CA GLU A 162 0.80 11.08 -11.12
C GLU A 162 1.07 11.11 -12.62
N GLU A 163 2.28 11.52 -12.98
CA GLU A 163 2.67 11.59 -14.38
C GLU A 163 2.68 10.21 -15.04
N ALA A 164 3.22 9.19 -14.35
CA ALA A 164 3.15 7.78 -14.79
C ALA A 164 1.72 7.36 -15.09
N ARG A 165 0.80 7.71 -14.17
CA ARG A 165 -0.61 7.40 -14.33
C ARG A 165 -1.18 7.99 -15.62
N ARG A 166 -0.78 9.22 -15.95
CA ARG A 166 -1.25 9.92 -17.15
C ARG A 166 -0.39 9.65 -18.41
N HIS A 167 0.37 8.55 -18.40
CA HIS A 167 1.15 8.12 -19.57
C HIS A 167 2.21 9.16 -19.90
N GLY A 168 2.79 9.75 -18.86
CA GLY A 168 3.81 10.80 -18.98
C GLY A 168 3.30 12.24 -19.04
N MSE A 169 1.99 12.47 -18.91
CA MSE A 169 1.40 13.83 -19.09
C MSE A 169 1.24 14.58 -17.75
O MSE A 169 1.07 13.96 -16.69
CB MSE A 169 0.05 13.76 -19.81
CG MSE A 169 0.04 13.00 -21.16
SE MSE A 169 0.97 13.95 -22.63
CE MSE A 169 0.21 12.93 -24.13
N PRO A 170 1.28 15.93 -17.78
CA PRO A 170 1.03 16.73 -16.57
C PRO A 170 -0.46 16.88 -16.25
N NO3 B . -24.71 6.17 -6.44
O1 NO3 B . -25.15 5.77 -5.37
O2 NO3 B . -25.50 6.54 -7.27
O3 NO3 B . -23.50 6.19 -6.66
C1 GOL C . -3.69 -4.56 15.32
O1 GOL C . -4.81 -5.46 15.39
C2 GOL C . -3.96 -3.16 15.88
O2 GOL C . -5.06 -2.55 15.23
C3 GOL C . -2.84 -2.16 15.68
O3 GOL C . -3.45 -0.89 15.39
#